data_2AG8
#
_entry.id   2AG8
#
_cell.length_a   89.701
_cell.length_b   49.826
_cell.length_c   65.445
_cell.angle_alpha   90.00
_cell.angle_beta   90.00
_cell.angle_gamma   90.00
#
_symmetry.space_group_name_H-M   'P 21 21 2'
#
loop_
_entity.id
_entity.type
_entity.pdbx_description
1 polymer 'pyrroline-5-carboxylate reductase'
2 non-polymer 'NADP NICOTINAMIDE-ADENINE-DINUCLEOTIDE PHOSPHATE'
3 water water
#
_entity_poly.entity_id   1
_entity_poly.type   'polypeptide(L)'
_entity_poly.pdbx_seq_one_letter_code
;(MSE)NVYFLGGGN(MSE)AAAVAGGLVKQGGYRIYIANRGAEKRERLEKELGVETSATLPELHSDDVLILAVKPQD
(MSE)EAACKNIRTNGALVLSVAAGLSVGTLSRYLGGTRRIVRV(MSE)PNTPGKIGLGVSG(MSE)YAEAEVSETDRRI
ADRI(MSE)KSVGLTVWLDDEEK(MSE)HGITGISGSGPAYVFYLLDALQNAAIRQGFD(MSE)AEARALSLATFKGAVA
LAEQTGEDFEKLQKNVTSKGGTTHEAVEAFRRHRVAEAISEGVCACVRRSQE(MSE)ERQYQ
;
_entity_poly.pdbx_strand_id   A
#
loop_
_chem_comp.id
_chem_comp.type
_chem_comp.name
_chem_comp.formula
NAP non-polymer 'NADP NICOTINAMIDE-ADENINE-DINUCLEOTIDE PHOSPHATE' 'C21 H28 N7 O17 P3'
#
# COMPACT_ATOMS: atom_id res chain seq x y z
N MSE A 1 -6.37 -0.60 -23.54
CA MSE A 1 -4.96 -0.90 -23.13
C MSE A 1 -4.84 -2.10 -22.14
O MSE A 1 -5.54 -2.16 -21.12
CB MSE A 1 -4.29 0.36 -22.60
CG MSE A 1 -2.84 0.12 -22.10
SE MSE A 1 -2.13 1.68 -21.18
CE MSE A 1 -3.12 1.37 -19.64
N ASN A 2 -3.98 -3.05 -22.49
CA ASN A 2 -3.75 -4.24 -21.71
C ASN A 2 -2.94 -3.92 -20.47
N VAL A 3 -3.37 -4.57 -19.40
CA VAL A 3 -2.68 -4.51 -18.15
C VAL A 3 -2.57 -5.95 -17.71
N TYR A 4 -1.36 -6.46 -17.88
CA TYR A 4 -0.92 -7.74 -17.39
C TYR A 4 -0.39 -7.74 -15.98
N PHE A 5 -0.82 -8.71 -15.19
CA PHE A 5 -0.33 -8.86 -13.82
C PHE A 5 0.49 -10.14 -13.83
N LEU A 6 1.72 -10.03 -13.36
CA LEU A 6 2.56 -11.19 -12.99
C LEU A 6 2.35 -11.46 -11.51
N GLY A 7 1.53 -12.44 -11.16
CA GLY A 7 1.16 -12.67 -9.77
C GLY A 7 -0.32 -12.37 -9.61
N GLY A 8 -1.08 -13.30 -9.03
CA GLY A 8 -2.55 -13.15 -8.91
C GLY A 8 -3.05 -13.03 -7.47
N GLY A 9 -2.13 -12.75 -6.54
CA GLY A 9 -2.41 -12.52 -5.11
C GLY A 9 -3.16 -11.22 -4.73
N ASN A 10 -3.11 -10.86 -3.45
CA ASN A 10 -4.05 -9.85 -2.91
C ASN A 10 -3.95 -8.44 -3.48
N MSE A 11 -2.70 -8.01 -3.72
CA MSE A 11 -2.39 -6.70 -4.26
C MSE A 11 -2.76 -6.59 -5.72
O MSE A 11 -3.37 -5.60 -6.15
CB MSE A 11 -0.87 -6.34 -4.01
CG MSE A 11 -0.64 -5.86 -2.59
SE MSE A 11 -1.87 -4.31 -2.00
CE MSE A 11 -3.35 -5.41 -1.03
N ALA A 12 -2.41 -7.65 -6.47
CA ALA A 12 -2.81 -7.85 -7.85
C ALA A 12 -4.32 -7.82 -7.93
N ALA A 13 -5.00 -8.57 -7.09
CA ALA A 13 -6.47 -8.60 -7.14
C ALA A 13 -7.06 -7.26 -6.72
N ALA A 14 -6.44 -6.53 -5.78
CA ALA A 14 -6.94 -5.17 -5.40
C ALA A 14 -6.84 -4.19 -6.58
N VAL A 15 -5.68 -4.13 -7.18
CA VAL A 15 -5.49 -3.21 -8.29
C VAL A 15 -6.33 -3.69 -9.49
N ALA A 16 -6.33 -5.00 -9.78
CA ALA A 16 -7.23 -5.43 -10.89
C ALA A 16 -8.67 -5.02 -10.66
N GLY A 17 -9.15 -5.21 -9.44
CA GLY A 17 -10.54 -4.84 -9.10
C GLY A 17 -10.76 -3.35 -9.26
N GLY A 18 -9.73 -2.57 -8.90
CA GLY A 18 -9.71 -1.15 -9.06
C GLY A 18 -9.88 -0.72 -10.50
N LEU A 19 -9.12 -1.37 -11.35
CA LEU A 19 -9.12 -1.10 -12.76
C LEU A 19 -10.41 -1.45 -13.44
N VAL A 20 -11.06 -2.53 -12.97
CA VAL A 20 -12.36 -2.92 -13.46
C VAL A 20 -13.38 -1.82 -13.18
N LYS A 21 -13.40 -1.31 -11.96
CA LYS A 21 -14.35 -0.24 -11.65
C LYS A 21 -14.14 1.04 -12.47
N GLN A 22 -12.85 1.34 -12.75
CA GLN A 22 -12.46 2.53 -13.49
C GLN A 22 -12.97 2.43 -14.85
N GLY A 23 -12.74 1.29 -15.51
CA GLY A 23 -13.29 1.01 -16.84
C GLY A 23 -12.21 1.28 -17.88
N GLY A 24 -12.40 0.69 -19.05
CA GLY A 24 -11.53 0.88 -20.20
C GLY A 24 -10.13 0.27 -20.23
N TYR A 25 -9.85 -0.71 -19.39
CA TYR A 25 -8.56 -1.45 -19.48
C TYR A 25 -8.92 -2.90 -19.88
N ARG A 26 -8.02 -3.62 -20.53
CA ARG A 26 -8.14 -5.07 -20.66
C ARG A 26 -7.24 -5.75 -19.61
N ILE A 27 -7.84 -6.29 -18.53
CA ILE A 27 -7.06 -6.94 -17.45
C ILE A 27 -6.74 -8.43 -17.71
N TYR A 28 -5.52 -8.85 -17.40
CA TYR A 28 -5.11 -10.23 -17.65
C TYR A 28 -4.11 -10.59 -16.57
N ILE A 29 -4.34 -11.72 -15.93
CA ILE A 29 -3.51 -12.13 -14.80
C ILE A 29 -2.85 -13.48 -15.05
N ALA A 30 -1.53 -13.49 -15.14
CA ALA A 30 -0.76 -14.71 -15.03
C ALA A 30 -0.61 -15.11 -13.56
N ASN A 31 -0.93 -16.36 -13.27
CA ASN A 31 -0.81 -16.92 -11.94
C ASN A 31 -0.76 -18.44 -12.08
N ARG A 32 0.32 -19.05 -11.58
CA ARG A 32 0.58 -20.47 -11.86
C ARG A 32 -0.53 -21.36 -11.26
N GLY A 33 -0.85 -21.18 -9.98
CA GLY A 33 -1.88 -21.97 -9.32
C GLY A 33 -3.26 -21.74 -9.91
N ALA A 34 -3.94 -22.82 -10.28
CA ALA A 34 -5.32 -22.78 -10.79
C ALA A 34 -6.28 -22.19 -9.74
N GLU A 35 -6.27 -22.77 -8.53
CA GLU A 35 -7.23 -22.37 -7.49
C GLU A 35 -7.54 -20.89 -7.55
N LYS A 36 -6.51 -20.06 -7.52
CA LYS A 36 -6.75 -18.63 -7.40
C LYS A 36 -7.08 -17.94 -8.73
N ARG A 37 -6.66 -18.53 -9.85
CA ARG A 37 -7.23 -18.09 -11.12
C ARG A 37 -8.76 -18.31 -11.15
N GLU A 38 -9.22 -19.49 -10.71
CA GLU A 38 -10.67 -19.77 -10.48
C GLU A 38 -11.41 -18.63 -9.76
N ARG A 39 -10.87 -18.12 -8.66
CA ARG A 39 -11.50 -16.99 -7.92
C ARG A 39 -11.64 -15.69 -8.71
N LEU A 40 -10.54 -15.30 -9.32
CA LEU A 40 -10.47 -14.03 -9.98
C LEU A 40 -11.45 -13.95 -11.11
N GLU A 41 -11.46 -15.01 -11.92
CA GLU A 41 -12.41 -15.19 -12.99
C GLU A 41 -13.88 -15.18 -12.57
N LYS A 42 -14.18 -15.68 -11.38
CA LYS A 42 -15.57 -15.78 -10.86
C LYS A 42 -16.05 -14.48 -10.24
N GLU A 43 -15.12 -13.82 -9.56
CA GLU A 43 -15.35 -12.57 -8.84
C GLU A 43 -15.21 -11.27 -9.66
N LEU A 44 -14.12 -11.16 -10.44
CA LEU A 44 -13.84 -9.93 -11.19
C LEU A 44 -14.19 -10.09 -12.64
N GLY A 45 -14.09 -11.32 -13.13
CA GLY A 45 -14.40 -11.63 -14.49
C GLY A 45 -13.29 -11.27 -15.42
N VAL A 46 -12.09 -11.20 -14.88
CA VAL A 46 -10.89 -10.91 -15.62
C VAL A 46 -10.36 -12.16 -16.29
N GLU A 47 -9.76 -12.03 -17.48
CA GLU A 47 -8.99 -13.14 -18.02
C GLU A 47 -7.81 -13.50 -17.13
N THR A 48 -7.52 -14.79 -17.05
CA THR A 48 -6.34 -15.26 -16.33
C THR A 48 -5.64 -16.34 -17.14
N SER A 49 -4.43 -16.70 -16.73
CA SER A 49 -3.67 -17.79 -17.35
C SER A 49 -2.51 -18.22 -16.46
N ALA A 50 -1.94 -19.39 -16.77
CA ALA A 50 -0.78 -19.84 -16.00
C ALA A 50 0.45 -18.98 -16.32
N THR A 51 0.61 -18.62 -17.59
CA THR A 51 1.72 -17.80 -18.07
C THR A 51 1.24 -16.49 -18.73
N LEU A 52 2.18 -15.56 -19.03
CA LEU A 52 1.86 -14.36 -19.80
C LEU A 52 1.89 -14.65 -21.28
N PRO A 53 1.08 -13.90 -22.05
CA PRO A 53 1.22 -13.92 -23.49
C PRO A 53 2.40 -13.01 -23.93
N GLU A 54 2.64 -12.99 -25.24
CA GLU A 54 3.62 -12.06 -25.78
C GLU A 54 3.19 -10.63 -25.44
N LEU A 55 4.16 -9.85 -24.94
CA LEU A 55 3.95 -8.45 -24.55
C LEU A 55 4.44 -7.49 -25.62
N HIS A 56 3.90 -6.28 -25.62
CA HIS A 56 4.32 -5.31 -26.61
C HIS A 56 4.59 -3.97 -25.93
N SER A 57 5.34 -3.10 -26.61
CA SER A 57 5.67 -1.81 -26.04
C SER A 57 4.47 -0.97 -25.68
N ASP A 58 3.28 -1.44 -26.03
CA ASP A 58 2.05 -0.66 -25.82
C ASP A 58 1.23 -1.24 -24.65
N ASP A 59 1.72 -2.34 -24.09
CA ASP A 59 1.14 -2.93 -22.88
C ASP A 59 1.64 -2.31 -21.55
N VAL A 60 0.91 -2.58 -20.46
CA VAL A 60 1.46 -2.39 -19.11
C VAL A 60 1.67 -3.78 -18.49
N LEU A 61 2.77 -3.94 -17.77
CA LEU A 61 3.01 -5.13 -16.95
C LEU A 61 3.13 -4.73 -15.48
N ILE A 62 2.35 -5.35 -14.62
CA ILE A 62 2.44 -5.06 -13.21
C ILE A 62 3.02 -6.28 -12.53
N LEU A 63 4.17 -6.07 -11.89
CA LEU A 63 4.90 -7.18 -11.22
C LEU A 63 4.44 -7.32 -9.78
N ALA A 64 3.89 -8.46 -9.44
CA ALA A 64 3.14 -8.46 -8.19
C ALA A 64 3.39 -9.71 -7.42
N VAL A 65 4.50 -10.37 -7.71
CA VAL A 65 4.89 -11.55 -6.94
C VAL A 65 5.74 -11.16 -5.75
N LYS A 66 5.72 -11.98 -4.71
CA LYS A 66 6.59 -11.80 -3.55
C LYS A 66 8.04 -11.55 -4.00
N PRO A 67 8.77 -10.65 -3.30
CA PRO A 67 10.11 -10.19 -3.68
C PRO A 67 11.12 -11.28 -3.98
N GLN A 68 11.10 -12.34 -3.14
CA GLN A 68 12.07 -13.47 -3.20
C GLN A 68 11.80 -14.39 -4.40
N ASP A 69 10.57 -14.38 -4.90
CA ASP A 69 10.23 -15.18 -6.09
C ASP A 69 10.37 -14.37 -7.39
N MSE A 70 10.72 -13.09 -7.27
CA MSE A 70 10.70 -12.14 -8.38
C MSE A 70 11.74 -12.37 -9.46
O MSE A 70 11.43 -12.38 -10.65
CB MSE A 70 10.81 -10.69 -7.88
CG MSE A 70 10.70 -9.63 -9.02
SE MSE A 70 8.83 -9.43 -9.71
CE MSE A 70 8.06 -8.31 -8.30
N GLU A 71 12.99 -12.57 -9.03
CA GLU A 71 14.07 -12.87 -9.98
C GLU A 71 13.77 -14.11 -10.85
N ALA A 72 13.30 -15.19 -10.22
CA ALA A 72 12.86 -16.39 -10.96
C ALA A 72 11.69 -16.07 -11.90
N ALA A 73 10.64 -15.43 -11.39
CA ALA A 73 9.46 -15.08 -12.19
C ALA A 73 9.78 -14.31 -13.49
N CYS A 74 10.80 -13.44 -13.42
CA CYS A 74 11.14 -12.49 -14.46
C CYS A 74 12.18 -13.04 -15.41
N LYS A 75 12.62 -14.25 -15.12
CA LYS A 75 13.83 -14.81 -15.69
C LYS A 75 13.74 -14.90 -17.20
N ASN A 76 12.61 -15.40 -17.68
CA ASN A 76 12.43 -15.61 -19.12
C ASN A 76 11.37 -14.70 -19.72
N ILE A 77 10.96 -13.68 -18.96
CA ILE A 77 9.96 -12.71 -19.42
C ILE A 77 10.61 -11.72 -20.40
N ARG A 78 9.94 -11.47 -21.52
CA ARG A 78 10.42 -10.51 -22.49
C ARG A 78 9.42 -9.39 -22.52
N THR A 79 9.77 -8.21 -22.03
CA THR A 79 8.75 -7.15 -21.90
C THR A 79 8.51 -6.44 -23.24
N ASN A 80 9.50 -6.54 -24.15
CA ASN A 80 9.45 -5.88 -25.47
C ASN A 80 9.21 -4.37 -25.42
N GLY A 81 9.76 -3.76 -24.36
CA GLY A 81 9.61 -2.34 -23.98
C GLY A 81 8.28 -1.88 -23.39
N ALA A 82 7.46 -2.81 -22.89
CA ALA A 82 6.20 -2.49 -22.17
C ALA A 82 6.51 -1.61 -20.96
N LEU A 83 5.58 -0.72 -20.60
CA LEU A 83 5.64 -0.05 -19.31
C LEU A 83 5.52 -1.12 -18.18
N VAL A 84 6.49 -1.13 -17.29
CA VAL A 84 6.47 -2.01 -16.11
C VAL A 84 6.19 -1.22 -14.81
N LEU A 85 5.19 -1.67 -14.06
CA LEU A 85 5.06 -1.26 -12.64
C LEU A 85 5.41 -2.45 -11.80
N SER A 86 5.89 -2.18 -10.60
CA SER A 86 6.06 -3.22 -9.62
C SER A 86 5.55 -2.71 -8.30
N VAL A 87 4.82 -3.59 -7.62
CA VAL A 87 4.33 -3.34 -6.26
C VAL A 87 5.11 -4.14 -5.21
N ALA A 88 6.16 -4.86 -5.61
CA ALA A 88 6.92 -5.63 -4.65
C ALA A 88 7.82 -4.74 -3.79
N ALA A 89 7.86 -5.08 -2.49
CA ALA A 89 8.71 -4.44 -1.46
C ALA A 89 10.16 -4.76 -1.65
N GLY A 90 11.01 -3.81 -1.30
CA GLY A 90 12.45 -4.04 -1.23
C GLY A 90 13.22 -4.39 -2.50
N LEU A 91 12.65 -4.11 -3.66
CA LEU A 91 13.27 -4.38 -4.94
C LEU A 91 13.29 -3.05 -5.65
N SER A 92 14.49 -2.50 -5.75
CA SER A 92 14.72 -1.22 -6.28
C SER A 92 14.53 -1.29 -7.81
N VAL A 93 14.29 -0.13 -8.41
CA VAL A 93 14.27 0.01 -9.85
C VAL A 93 15.51 -0.62 -10.57
N GLY A 94 16.72 -0.35 -10.12
CA GLY A 94 17.89 -1.00 -10.74
C GLY A 94 17.91 -2.52 -10.69
N THR A 95 17.63 -3.08 -9.52
CA THR A 95 17.38 -4.52 -9.34
C THR A 95 16.28 -5.10 -10.26
N LEU A 96 15.16 -4.42 -10.32
CA LEU A 96 14.09 -4.76 -11.29
C LEU A 96 14.59 -4.74 -12.72
N SER A 97 15.45 -3.77 -13.05
CA SER A 97 15.96 -3.63 -14.41
C SER A 97 16.79 -4.85 -14.80
N ARG A 98 17.75 -5.21 -13.94
CA ARG A 98 18.52 -6.45 -14.05
C ARG A 98 17.63 -7.67 -14.28
N TYR A 99 16.67 -7.85 -13.40
CA TYR A 99 15.71 -8.96 -13.43
C TYR A 99 15.02 -9.14 -14.77
N LEU A 100 14.78 -8.04 -15.44
CA LEU A 100 14.03 -8.02 -16.67
C LEU A 100 14.93 -7.83 -17.88
N GLY A 101 16.25 -7.79 -17.63
CA GLY A 101 17.26 -7.72 -18.68
C GLY A 101 17.58 -6.37 -19.33
N GLY A 102 17.31 -5.28 -18.62
CA GLY A 102 17.94 -4.00 -18.95
C GLY A 102 16.93 -2.88 -19.11
N THR A 103 15.68 -3.20 -19.35
CA THR A 103 14.71 -2.13 -19.51
C THR A 103 14.77 -1.11 -18.34
N ARG A 104 14.63 0.16 -18.69
CA ARG A 104 14.52 1.21 -17.67
C ARG A 104 13.08 1.73 -17.55
N ARG A 105 12.12 1.14 -18.27
CA ARG A 105 10.73 1.72 -18.35
C ARG A 105 9.94 1.19 -17.15
N ILE A 106 10.31 1.67 -15.96
CA ILE A 106 9.82 1.09 -14.69
C ILE A 106 9.36 2.16 -13.72
N VAL A 107 8.17 1.92 -13.18
CA VAL A 107 7.67 2.73 -12.12
C VAL A 107 7.48 1.79 -10.94
N ARG A 108 8.06 2.11 -9.80
CA ARG A 108 7.76 1.41 -8.51
C ARG A 108 6.59 1.93 -7.71
N VAL A 109 5.88 1.01 -7.07
CA VAL A 109 4.65 1.31 -6.30
C VAL A 109 4.86 0.67 -4.91
N MSE A 110 4.50 1.38 -3.86
CA MSE A 110 4.37 0.80 -2.53
C MSE A 110 2.91 1.00 -2.08
O MSE A 110 2.61 2.02 -1.44
CB MSE A 110 5.30 1.57 -1.59
CG MSE A 110 5.56 0.87 -0.27
SE MSE A 110 6.07 -1.07 -0.53
CE MSE A 110 4.51 -1.82 0.27
N PRO A 111 1.99 0.05 -2.44
CA PRO A 111 0.58 0.17 -2.04
C PRO A 111 0.34 -0.34 -0.57
N ASN A 112 -0.91 -0.34 -0.12
CA ASN A 112 -1.21 -0.76 1.25
C ASN A 112 -2.59 -1.42 1.14
N THR A 113 -3.05 -2.07 2.18
CA THR A 113 -4.15 -3.04 2.05
C THR A 113 -5.55 -2.41 1.98
N PRO A 114 -5.77 -1.22 2.58
CA PRO A 114 -7.06 -0.53 2.26
C PRO A 114 -7.35 -0.19 0.78
N GLY A 115 -6.34 -0.27 -0.07
CA GLY A 115 -6.57 -0.20 -1.48
C GLY A 115 -7.61 -1.27 -1.92
N LYS A 116 -7.65 -2.39 -1.20
CA LYS A 116 -8.62 -3.47 -1.40
C LYS A 116 -9.99 -2.87 -1.36
N ILE A 117 -10.14 -1.77 -0.65
CA ILE A 117 -11.46 -1.11 -0.63
C ILE A 117 -11.52 0.31 -1.19
N GLY A 118 -10.58 0.60 -2.10
CA GLY A 118 -10.55 1.89 -2.77
C GLY A 118 -10.09 2.99 -1.82
N LEU A 119 -9.50 2.64 -0.65
CA LEU A 119 -8.95 3.64 0.29
C LEU A 119 -7.45 3.56 0.52
N GLY A 120 -6.70 3.14 -0.51
CA GLY A 120 -5.27 2.89 -0.39
C GLY A 120 -4.47 4.15 -0.43
N VAL A 121 -3.20 3.99 -0.19
CA VAL A 121 -2.21 5.06 -0.39
C VAL A 121 -1.06 4.33 -1.09
N SER A 122 -0.65 4.84 -2.23
CA SER A 122 0.45 4.22 -2.94
C SER A 122 1.61 5.25 -3.12
N GLY A 123 2.73 4.97 -2.44
CA GLY A 123 4.02 5.65 -2.75
C GLY A 123 4.43 5.32 -4.19
N MSE A 124 4.92 6.32 -4.93
CA MSE A 124 5.29 6.03 -6.31
C MSE A 124 6.68 6.56 -6.60
O MSE A 124 7.04 7.63 -6.09
CB MSE A 124 4.34 6.71 -7.29
CG MSE A 124 2.90 6.67 -7.00
SE MSE A 124 2.15 5.01 -7.64
CE MSE A 124 1.96 5.55 -9.45
N TYR A 125 7.44 5.82 -7.40
CA TYR A 125 8.81 6.31 -7.75
C TYR A 125 9.22 5.89 -9.14
N ALA A 126 9.78 6.82 -9.91
CA ALA A 126 10.35 6.46 -11.19
C ALA A 126 11.68 7.20 -11.35
N GLU A 127 12.69 6.59 -11.99
CA GLU A 127 13.89 7.39 -12.39
C GLU A 127 13.52 8.48 -13.41
N ALA A 128 14.37 9.53 -13.45
CA ALA A 128 14.26 10.69 -14.40
C ALA A 128 14.07 10.31 -15.84
N GLU A 129 14.74 9.24 -16.26
CA GLU A 129 14.61 8.71 -17.64
C GLU A 129 13.14 8.31 -18.00
N VAL A 130 12.30 8.08 -16.98
CA VAL A 130 10.89 7.69 -17.23
C VAL A 130 10.01 8.88 -17.55
N SER A 131 9.37 8.84 -18.71
CA SER A 131 8.67 9.99 -19.27
C SER A 131 7.46 10.38 -18.38
N GLU A 132 6.99 11.61 -18.52
CA GLU A 132 5.85 12.13 -17.79
C GLU A 132 4.57 11.39 -18.14
N THR A 133 4.40 11.07 -19.42
CA THR A 133 3.26 10.31 -19.87
C THR A 133 3.22 8.90 -19.23
N ASP A 134 4.34 8.20 -19.19
CA ASP A 134 4.42 6.92 -18.45
C ASP A 134 4.14 7.08 -16.96
N ARG A 135 4.63 8.16 -16.34
CA ARG A 135 4.32 8.41 -14.94
C ARG A 135 2.79 8.52 -14.81
N ARG A 136 2.15 9.30 -15.68
CA ARG A 136 0.70 9.54 -15.67
C ARG A 136 -0.14 8.28 -15.91
N ILE A 137 0.29 7.43 -16.84
CA ILE A 137 -0.32 6.11 -17.03
C ILE A 137 -0.23 5.30 -15.66
N ALA A 138 0.95 5.22 -15.07
CA ALA A 138 1.14 4.46 -13.83
C ALA A 138 0.26 5.12 -12.78
N ASP A 139 0.21 6.46 -12.78
CA ASP A 139 -0.44 7.18 -11.70
C ASP A 139 -2.00 6.96 -11.75
N ARG A 140 -2.54 6.92 -12.95
CA ARG A 140 -3.98 6.63 -13.08
C ARG A 140 -4.28 5.18 -12.76
N ILE A 141 -3.38 4.28 -13.14
CA ILE A 141 -3.53 2.89 -12.63
C ILE A 141 -3.61 2.82 -11.09
N MSE A 142 -2.69 3.44 -10.37
CA MSE A 142 -2.67 3.29 -8.88
C MSE A 142 -3.77 4.16 -8.23
O MSE A 142 -4.18 3.90 -7.09
CB MSE A 142 -1.28 3.55 -8.30
CG MSE A 142 -0.29 2.56 -8.74
SE MSE A 142 -0.90 0.65 -8.62
CE MSE A 142 -1.44 0.58 -6.62
N LYS A 143 -4.26 5.16 -8.93
CA LYS A 143 -5.36 5.94 -8.42
C LYS A 143 -6.70 5.16 -8.46
N SER A 144 -6.76 4.07 -9.25
CA SER A 144 -7.95 3.18 -9.18
C SER A 144 -8.16 2.61 -7.79
N VAL A 145 -7.14 2.58 -6.91
CA VAL A 145 -7.33 2.04 -5.57
C VAL A 145 -7.17 3.03 -4.40
N GLY A 146 -6.98 4.31 -4.69
CA GLY A 146 -6.72 5.31 -3.68
C GLY A 146 -5.78 6.47 -4.05
N LEU A 147 -5.09 6.99 -3.03
CA LEU A 147 -4.23 8.13 -3.11
C LEU A 147 -2.89 7.74 -3.74
N THR A 148 -2.35 8.58 -4.61
CA THR A 148 -0.93 8.38 -4.96
C THR A 148 0.01 9.45 -4.35
N VAL A 149 1.20 9.02 -3.95
CA VAL A 149 2.24 9.97 -3.59
C VAL A 149 3.59 9.69 -4.19
N TRP A 150 3.94 10.60 -5.10
CA TRP A 150 5.15 10.53 -5.86
C TRP A 150 6.31 11.09 -5.02
N LEU A 151 7.45 10.38 -5.12
CA LEU A 151 8.67 10.66 -4.38
C LEU A 151 9.81 10.95 -5.36
N ASP A 152 10.67 11.90 -4.96
CA ASP A 152 11.94 12.27 -5.61
C ASP A 152 13.09 11.33 -5.44
N ASP A 153 13.05 10.58 -4.35
CA ASP A 153 14.16 9.81 -3.92
C ASP A 153 13.62 8.45 -3.66
N GLU A 154 14.18 7.43 -4.33
CA GLU A 154 13.75 6.04 -4.12
C GLU A 154 13.82 5.64 -2.64
N GLU A 155 14.76 6.23 -1.91
CA GLU A 155 14.92 5.93 -0.48
C GLU A 155 13.65 6.19 0.33
N LYS A 156 12.89 7.23 -0.05
CA LYS A 156 11.70 7.56 0.71
C LYS A 156 10.64 6.43 0.56
N MSE A 157 10.88 5.46 -0.30
CA MSE A 157 9.97 4.32 -0.45
C MSE A 157 9.88 3.45 0.86
O MSE A 157 8.87 2.74 1.13
CB MSE A 157 10.38 3.50 -1.66
CG MSE A 157 10.05 4.21 -3.05
SE MSE A 157 8.02 4.01 -3.36
CE MSE A 157 8.07 2.12 -3.18
N HIS A 158 10.93 3.53 1.62
CA HIS A 158 11.03 2.98 2.99
C HIS A 158 10.25 3.76 3.98
N GLY A 159 10.29 5.11 3.90
CA GLY A 159 9.38 5.99 4.66
C GLY A 159 7.90 5.71 4.45
N ILE A 160 7.48 5.49 3.21
CA ILE A 160 6.10 5.06 2.88
C ILE A 160 5.70 3.75 3.57
N THR A 161 6.55 2.74 3.45
CA THR A 161 6.39 1.50 4.15
C THR A 161 6.22 1.77 5.66
N GLY A 162 7.15 2.57 6.23
CA GLY A 162 7.09 2.87 7.65
C GLY A 162 5.78 3.55 8.07
N ILE A 163 5.26 4.44 7.20
CA ILE A 163 4.09 5.24 7.53
C ILE A 163 2.77 4.59 7.00
N SER A 164 2.65 4.49 5.69
CA SER A 164 1.38 4.03 5.09
C SER A 164 1.40 2.56 4.77
N GLY A 165 2.59 1.99 4.58
CA GLY A 165 2.70 0.58 4.18
C GLY A 165 2.23 -0.29 5.34
N SER A 166 2.89 -0.08 6.48
CA SER A 166 2.66 -0.88 7.70
C SER A 166 1.69 -0.21 8.63
N GLY A 167 1.37 1.06 8.36
CA GLY A 167 0.54 1.88 9.23
C GLY A 167 -0.83 1.35 9.55
N PRO A 168 -1.50 0.68 8.59
CA PRO A 168 -2.79 0.04 8.94
C PRO A 168 -2.69 -0.92 10.12
N ALA A 169 -1.61 -1.71 10.20
CA ALA A 169 -1.35 -2.54 11.38
C ALA A 169 -1.24 -1.71 12.67
N TYR A 170 -0.84 -0.44 12.57
CA TYR A 170 -0.57 0.33 13.78
C TYR A 170 -1.95 0.72 14.24
N VAL A 171 -2.75 1.15 13.28
CA VAL A 171 -4.14 1.52 13.53
C VAL A 171 -4.94 0.36 14.10
N PHE A 172 -4.83 -0.85 13.55
CA PHE A 172 -5.43 -2.04 14.21
C PHE A 172 -4.99 -2.24 15.67
N TYR A 173 -3.69 -2.07 15.89
CA TYR A 173 -3.10 -2.11 17.25
C TYR A 173 -3.72 -1.09 18.20
N LEU A 174 -3.92 0.12 17.71
CA LEU A 174 -4.44 1.23 18.51
C LEU A 174 -5.97 1.11 18.70
N LEU A 175 -6.70 0.65 17.66
CA LEU A 175 -8.10 0.23 17.83
C LEU A 175 -8.27 -0.78 18.90
N ASP A 176 -7.40 -1.81 18.93
CA ASP A 176 -7.46 -2.87 19.91
C ASP A 176 -7.12 -2.27 21.34
N ALA A 177 -6.08 -1.43 21.40
CA ALA A 177 -5.67 -0.69 22.59
C ALA A 177 -6.87 0.01 23.23
N LEU A 178 -7.67 0.73 22.42
CA LEU A 178 -8.83 1.42 22.94
C LEU A 178 -9.97 0.50 23.32
N GLN A 179 -10.20 -0.52 22.50
CA GLN A 179 -11.16 -1.60 22.81
C GLN A 179 -10.85 -2.23 24.19
N ASN A 180 -9.59 -2.54 24.41
CA ASN A 180 -9.14 -3.12 25.68
C ASN A 180 -9.28 -2.17 26.87
N ALA A 181 -9.04 -0.87 26.67
CA ALA A 181 -9.26 0.08 27.74
C ALA A 181 -10.77 0.10 28.06
N ALA A 182 -11.59 -0.01 27.04
CA ALA A 182 -13.08 -0.12 27.25
C ALA A 182 -13.57 -1.33 28.03
N ILE A 183 -13.07 -2.51 27.68
CA ILE A 183 -13.28 -3.71 28.51
C ILE A 183 -12.84 -3.52 29.98
N ARG A 184 -11.73 -2.81 30.22
CA ARG A 184 -11.25 -2.60 31.58
C ARG A 184 -12.21 -1.68 32.38
N GLN A 185 -12.98 -0.86 31.66
CA GLN A 185 -13.95 0.10 32.21
C GLN A 185 -15.34 -0.54 32.38
N GLY A 186 -15.44 -1.81 32.01
CA GLY A 186 -16.64 -2.58 32.27
C GLY A 186 -17.53 -2.86 31.11
N PHE A 187 -17.07 -2.59 29.89
CA PHE A 187 -17.87 -2.88 28.68
C PHE A 187 -17.57 -4.27 28.21
N ASP A 188 -18.63 -4.91 27.70
CA ASP A 188 -18.53 -6.22 27.09
C ASP A 188 -17.80 -6.08 25.75
N MSE A 189 -17.44 -7.19 25.15
CA MSE A 189 -16.63 -7.15 23.94
C MSE A 189 -17.34 -6.43 22.79
O MSE A 189 -16.69 -5.71 22.02
CB MSE A 189 -16.18 -8.57 23.53
CG MSE A 189 -15.39 -8.63 22.23
SE MSE A 189 -13.82 -7.33 22.15
CE MSE A 189 -12.34 -8.61 23.07
N ALA A 190 -18.67 -6.58 22.71
CA ALA A 190 -19.44 -5.97 21.66
C ALA A 190 -19.44 -4.45 21.74
N GLU A 191 -19.71 -3.91 22.91
CA GLU A 191 -19.75 -2.48 23.14
C GLU A 191 -18.36 -1.86 23.01
N ALA A 192 -17.37 -2.58 23.51
CA ALA A 192 -16.00 -2.08 23.53
C ALA A 192 -15.52 -1.97 22.12
N ARG A 193 -15.84 -2.95 21.27
CA ARG A 193 -15.47 -2.84 19.87
C ARG A 193 -16.19 -1.68 19.15
N ALA A 194 -17.51 -1.61 19.30
CA ALA A 194 -18.28 -0.53 18.70
C ALA A 194 -17.82 0.85 19.15
N LEU A 195 -17.61 1.00 20.45
CA LEU A 195 -17.09 2.26 21.00
C LEU A 195 -15.80 2.71 20.33
N SER A 196 -14.86 1.79 20.22
CA SER A 196 -13.50 2.08 19.76
C SER A 196 -13.62 2.41 18.27
N LEU A 197 -14.39 1.61 17.51
CA LEU A 197 -14.50 1.80 16.07
C LEU A 197 -15.11 3.16 15.71
N ALA A 198 -16.16 3.51 16.43
CA ALA A 198 -16.89 4.72 16.20
C ALA A 198 -16.13 5.92 16.67
N THR A 199 -15.42 5.78 17.76
CA THR A 199 -14.51 6.81 18.19
C THR A 199 -13.45 7.15 17.10
N PHE A 200 -12.75 6.16 16.57
CA PHE A 200 -11.75 6.38 15.54
C PHE A 200 -12.39 6.90 14.24
N LYS A 201 -13.55 6.30 13.86
CA LYS A 201 -14.12 6.64 12.59
C LYS A 201 -14.57 8.10 12.67
N GLY A 202 -15.13 8.52 13.80
CA GLY A 202 -15.68 9.84 13.86
C GLY A 202 -14.63 10.91 14.02
N ALA A 203 -13.56 10.62 14.77
CA ALA A 203 -12.43 11.60 14.93
C ALA A 203 -11.69 11.81 13.59
N VAL A 204 -11.39 10.72 12.92
CA VAL A 204 -10.83 10.77 11.59
C VAL A 204 -11.72 11.54 10.59
N ALA A 205 -13.06 11.37 10.59
CA ALA A 205 -13.91 12.12 9.68
C ALA A 205 -13.87 13.60 10.03
N LEU A 206 -13.92 13.92 11.33
CA LEU A 206 -13.72 15.30 11.79
C LEU A 206 -12.43 15.95 11.33
N ALA A 207 -11.31 15.24 11.48
CA ALA A 207 -10.00 15.73 10.99
C ALA A 207 -9.99 15.96 9.47
N GLU A 208 -10.59 15.03 8.74
CA GLU A 208 -10.68 15.09 7.28
C GLU A 208 -11.49 16.30 6.81
N GLN A 209 -12.66 16.48 7.43
CA GLN A 209 -13.60 17.45 6.97
C GLN A 209 -13.12 18.83 7.34
N THR A 210 -12.61 19.00 8.54
CA THR A 210 -12.10 20.30 8.92
C THR A 210 -10.82 20.68 8.17
N GLY A 211 -9.97 19.68 7.91
CA GLY A 211 -8.58 19.93 7.51
C GLY A 211 -7.74 20.66 8.55
N GLU A 212 -8.22 20.76 9.80
CA GLU A 212 -7.50 21.45 10.88
C GLU A 212 -6.28 20.65 11.30
N ASP A 213 -5.25 21.30 11.83
CA ASP A 213 -4.07 20.57 12.30
C ASP A 213 -4.45 19.56 13.40
N PHE A 214 -3.93 18.32 13.32
CA PHE A 214 -4.25 17.27 14.29
C PHE A 214 -4.02 17.74 15.71
N GLU A 215 -2.85 18.30 15.97
CA GLU A 215 -2.54 18.87 17.26
C GLU A 215 -3.48 20.03 17.63
N LYS A 216 -3.84 20.86 16.66
CA LYS A 216 -4.74 21.96 16.97
C LYS A 216 -6.08 21.35 17.39
N LEU A 217 -6.53 20.33 16.67
CA LEU A 217 -7.77 19.64 17.01
C LEU A 217 -7.73 18.97 18.38
N GLN A 218 -6.61 18.36 18.73
CA GLN A 218 -6.47 17.73 20.04
C GLN A 218 -6.60 18.77 21.15
N LYS A 219 -5.91 19.88 21.00
CA LYS A 219 -5.88 20.94 22.01
C LYS A 219 -7.21 21.66 22.13
N ASN A 220 -7.85 21.97 21.00
CA ASN A 220 -9.20 22.51 21.01
C ASN A 220 -10.16 21.79 21.97
N VAL A 221 -9.93 20.50 22.23
CA VAL A 221 -10.86 19.68 23.02
C VAL A 221 -10.26 19.08 24.29
N THR A 222 -9.22 19.74 24.81
CA THR A 222 -8.49 19.31 26.02
C THR A 222 -8.34 20.45 27.02
N SER A 223 -9.46 21.02 27.50
CA SER A 223 -9.43 22.06 28.58
C SER A 223 -8.61 21.65 29.80
N LYS A 224 -7.77 22.58 30.31
CA LYS A 224 -6.86 22.27 31.45
C LYS A 224 -7.63 21.86 32.72
N GLY A 225 -7.04 20.96 33.52
CA GLY A 225 -7.74 20.42 34.69
C GLY A 225 -8.96 19.53 34.43
N GLY A 226 -9.19 19.19 33.15
CA GLY A 226 -10.35 18.40 32.71
C GLY A 226 -10.02 16.94 32.48
N THR A 227 -11.01 16.16 32.07
CA THR A 227 -10.82 14.71 31.90
C THR A 227 -9.88 14.33 30.77
N THR A 228 -10.03 14.96 29.60
CA THR A 228 -9.17 14.69 28.44
C THR A 228 -7.69 15.01 28.78
N HIS A 229 -7.45 16.20 29.34
CA HIS A 229 -6.14 16.55 29.79
C HIS A 229 -5.52 15.41 30.63
N GLU A 230 -6.25 14.76 31.52
CA GLU A 230 -5.60 13.74 32.37
C GLU A 230 -5.08 12.57 31.55
N ALA A 231 -5.91 12.11 30.63
CA ALA A 231 -5.55 11.07 29.69
C ALA A 231 -4.35 11.42 28.83
N VAL A 232 -4.35 12.59 28.22
CA VAL A 232 -3.30 12.94 27.24
C VAL A 232 -1.96 13.27 27.97
N GLU A 233 -2.02 13.75 29.22
CA GLU A 233 -0.83 13.85 30.12
C GLU A 233 -0.21 12.49 30.41
N ALA A 234 -1.05 11.46 30.59
CA ALA A 234 -0.62 10.07 30.76
C ALA A 234 0.08 9.60 29.49
N PHE A 235 -0.57 9.82 28.32
CA PHE A 235 0.03 9.50 27.02
C PHE A 235 1.42 10.11 26.92
N ARG A 236 1.53 11.38 27.29
CA ARG A 236 2.80 12.12 27.19
C ARG A 236 3.88 11.57 28.11
N ARG A 237 3.49 11.26 29.35
CA ARG A 237 4.40 10.72 30.37
C ARG A 237 5.05 9.36 29.92
N HIS A 238 4.21 8.51 29.34
CA HIS A 238 4.59 7.23 28.76
C HIS A 238 5.15 7.38 27.30
N ARG A 239 5.36 8.63 26.86
CA ARG A 239 5.93 8.92 25.54
C ARG A 239 5.29 8.11 24.39
N VAL A 240 3.96 8.05 24.36
CA VAL A 240 3.24 7.25 23.36
C VAL A 240 3.59 7.65 21.92
N ALA A 241 3.45 8.93 21.58
CA ALA A 241 3.72 9.38 20.25
C ALA A 241 5.17 9.12 19.85
N GLU A 242 6.06 9.28 20.81
CA GLU A 242 7.48 9.06 20.56
C GLU A 242 7.74 7.59 20.20
N ALA A 243 7.22 6.67 21.02
CA ALA A 243 7.29 5.21 20.75
C ALA A 243 6.70 4.86 19.38
N ILE A 244 5.71 5.65 18.94
CA ILE A 244 5.15 5.45 17.62
C ILE A 244 6.25 5.81 16.59
N SER A 245 6.90 6.94 16.77
CA SER A 245 8.05 7.28 15.90
C SER A 245 9.17 6.25 15.99
N GLU A 246 9.50 5.77 17.20
CA GLU A 246 10.46 4.67 17.31
C GLU A 246 10.04 3.44 16.51
N GLY A 247 8.78 3.02 16.59
CA GLY A 247 8.26 1.87 15.84
C GLY A 247 8.42 2.03 14.34
N VAL A 248 8.02 3.19 13.83
CA VAL A 248 8.30 3.61 12.46
C VAL A 248 9.80 3.48 12.04
N CYS A 249 10.74 4.02 12.85
CA CYS A 249 12.18 3.86 12.58
C CYS A 249 12.61 2.39 12.50
N ALA A 250 12.14 1.57 13.43
CA ALA A 250 12.47 0.14 13.46
C ALA A 250 11.92 -0.51 12.19
N CYS A 251 10.74 -0.06 11.78
CA CYS A 251 10.14 -0.61 10.56
C CYS A 251 10.96 -0.23 9.30
N VAL A 252 11.37 1.03 9.25
CA VAL A 252 12.06 1.58 8.10
C VAL A 252 13.52 1.00 8.01
N ARG A 253 14.16 0.85 9.17
CA ARG A 253 15.44 0.11 9.34
C ARG A 253 15.28 -1.28 8.72
N ARG A 254 14.31 -2.06 9.22
CA ARG A 254 14.10 -3.39 8.69
C ARG A 254 13.77 -3.41 7.17
N SER A 255 12.95 -2.49 6.65
CA SER A 255 12.71 -2.41 5.20
C SER A 255 14.03 -2.23 4.43
N GLN A 256 14.84 -1.32 4.92
CA GLN A 256 16.22 -1.12 4.44
C GLN A 256 17.13 -2.33 4.46
N GLU A 257 17.14 -3.06 5.60
CA GLU A 257 17.77 -4.35 5.70
C GLU A 257 17.28 -5.35 4.68
N MSE A 258 15.97 -5.56 4.64
CA MSE A 258 15.42 -6.50 3.73
C MSE A 258 15.80 -6.24 2.24
O MSE A 258 16.07 -7.17 1.52
CB MSE A 258 13.92 -6.56 3.94
CG MSE A 258 13.61 -7.39 5.14
SE MSE A 258 11.76 -7.28 5.59
CE MSE A 258 11.00 -8.60 4.30
N GLU A 259 15.84 -4.97 1.85
CA GLU A 259 16.16 -4.59 0.49
C GLU A 259 17.62 -4.92 0.12
N ARG A 260 18.52 -4.93 1.10
CA ARG A 260 19.92 -5.31 0.84
C ARG A 260 20.04 -6.79 0.49
N GLN A 261 19.01 -7.58 0.80
CA GLN A 261 18.99 -9.00 0.38
C GLN A 261 19.04 -9.24 -1.14
N TYR A 262 18.54 -8.31 -1.97
CA TYR A 262 18.59 -8.56 -3.40
C TYR A 262 19.47 -7.57 -4.22
N GLN A 263 20.05 -6.57 -3.53
CA GLN A 263 21.03 -5.61 -4.09
C GLN A 263 21.78 -4.86 -2.99
PA NAP B . 0.33 -13.30 -2.67
O1A NAP B . 1.11 -14.53 -2.34
O2A NAP B . -1.11 -13.47 -2.30
O5B NAP B . 0.57 -13.01 -4.27
C5B NAP B . 1.74 -13.43 -4.96
C4B NAP B . 1.34 -14.35 -6.12
O4B NAP B . 2.35 -14.46 -7.12
C3B NAP B . 1.07 -15.78 -5.69
O3B NAP B . -0.32 -15.95 -5.46
C2B NAP B . 1.59 -16.65 -6.82
O2B NAP B . 0.60 -17.46 -7.39
C1B NAP B . 2.07 -15.65 -7.85
N9A NAP B . 3.22 -16.10 -8.66
C8A NAP B . 4.47 -16.44 -8.22
N7A NAP B . 5.24 -16.79 -9.27
C5A NAP B . 4.49 -16.69 -10.39
C6A NAP B . 4.80 -16.93 -11.73
N6A NAP B . 6.04 -16.58 -12.08
N1A NAP B . 3.81 -16.76 -12.69
C2A NAP B . 2.55 -16.33 -12.31
N3A NAP B . 2.27 -16.08 -10.98
C4A NAP B . 3.22 -16.27 -10.03
O3 NAP B . 0.96 -11.98 -1.91
PN NAP B . 0.35 -10.46 -1.78
O1N NAP B . -0.06 -10.24 -0.38
O2N NAP B . -0.58 -10.05 -2.87
O5D NAP B . 1.68 -9.61 -2.12
C5D NAP B . 2.35 -9.82 -3.34
C4D NAP B . 3.22 -8.59 -3.62
O4D NAP B . 2.59 -7.44 -3.09
C3D NAP B . 4.60 -8.71 -2.97
O3D NAP B . 5.59 -8.54 -3.96
C2D NAP B . 4.65 -7.63 -1.89
O2D NAP B . 5.93 -7.07 -1.73
C1D NAP B . 3.62 -6.67 -2.48
N1N NAP B . 3.14 -5.53 -1.66
C2N NAP B . 2.19 -5.57 -0.65
C3N NAP B . 1.86 -4.35 0.01
C7N NAP B . 1.56 -4.25 1.49
O7N NAP B . 1.98 -3.04 2.14
N7N NAP B . 0.91 -5.22 2.15
C4N NAP B . 2.47 -3.18 -0.43
C5N NAP B . 3.41 -3.18 -1.45
C6N NAP B . 3.73 -4.37 -2.04
P2B NAP B . 0.61 -19.07 -7.25
O1X NAP B . -0.31 -19.48 -6.11
O2X NAP B . 2.04 -19.48 -7.03
O3X NAP B . 0.11 -19.66 -8.55
#